data_4ND2
#
_entry.id   4ND2
#
_cell.length_a   95.830
_cell.length_b   95.830
_cell.length_c   185.640
_cell.angle_alpha   90.00
_cell.angle_beta   90.00
_cell.angle_gamma   120.00
#
_symmetry.space_group_name_H-M   'P 32 2 1'
#
loop_
_entity.id
_entity.type
_entity.pdbx_description
1 polymer 'Lactate dehydrogenase, adjacent gene encodes predicted malate dehydrogenase'
2 non-polymer '3-ACETYLPYRIDINE ADENINE DINUCLEOTIDE'
3 non-polymer 'PYRUVIC ACID'
4 non-polymer GLYCEROL
5 water water
#
_entity_poly.entity_id   1
_entity_poly.type   'polypeptide(L)'
_entity_poly.pdbx_seq_one_letter_code
;MIERRKIAVIGSGQIGGNIAYIVGKDNLADVVLFDIAEGIPQGKALDITHSMVMFGSTSKVIGTNDYADISGSDVVIITA
SIPGRPKDDRSELLFGNARILDSVAEGVKKYCPNAFVICITNPLDVMVSHFQKVSGLPHNKVCGMAGVLDSSRFRTFIAQ
HFGVNASDVSANVIGGHGDGMVPATSSVSVGGVPLSSFIKQGLITQEQIDEIVCHTRIAWKEVADNLKTGTAYFAPAAAA
VKMAEAYLKDKKAVVPCSAFCSNHYGVKGIYMGVPTIIGKNGVEDILELDLTPLEQKLLGESINEVNTISKVLDNAPAAG
A
;
_entity_poly.pdbx_strand_id   A,B
#
# COMPACT_ATOMS: atom_id res chain seq x y z
N MET A 1 18.11 -27.65 4.21
CA MET A 1 17.16 -26.89 5.08
C MET A 1 16.83 -25.54 4.46
N ILE A 2 15.66 -25.44 3.82
CA ILE A 2 15.19 -24.19 3.26
C ILE A 2 14.77 -23.23 4.38
N GLU A 3 15.17 -21.98 4.27
CA GLU A 3 14.81 -20.95 5.22
C GLU A 3 13.99 -19.88 4.52
N ARG A 4 13.09 -19.25 5.27
CA ARG A 4 12.27 -18.17 4.73
C ARG A 4 13.16 -17.05 4.21
N ARG A 5 12.78 -16.47 3.08
CA ARG A 5 13.45 -15.28 2.57
C ARG A 5 13.14 -14.11 3.50
N LYS A 6 14.12 -13.21 3.66
CA LYS A 6 14.03 -12.14 4.65
C LYS A 6 14.49 -10.81 4.06
N ILE A 7 13.62 -9.80 4.13
CA ILE A 7 13.94 -8.46 3.69
C ILE A 7 13.90 -7.51 4.88
N ALA A 8 14.99 -6.76 5.06
CA ALA A 8 15.04 -5.71 6.08
C ALA A 8 14.79 -4.35 5.44
N VAL A 9 13.82 -3.63 5.98
CA VAL A 9 13.49 -2.29 5.51
C VAL A 9 13.96 -1.28 6.57
N ILE A 10 15.02 -0.55 6.25
CA ILE A 10 15.64 0.39 7.19
C ILE A 10 15.00 1.77 6.99
N GLY A 11 14.12 2.12 7.93
CA GLY A 11 13.32 3.33 7.82
C GLY A 11 11.90 2.94 7.50
N SER A 12 10.99 3.22 8.43
CA SER A 12 9.60 2.76 8.34
C SER A 12 8.64 3.92 8.16
N GLY A 13 9.03 4.88 7.33
CA GLY A 13 8.17 6.00 6.98
C GLY A 13 7.26 5.65 5.82
N GLN A 14 6.96 6.65 4.99
CA GLN A 14 6.00 6.49 3.89
C GLN A 14 6.37 5.34 2.96
N ILE A 15 7.61 5.35 2.48
CA ILE A 15 8.07 4.31 1.55
C ILE A 15 8.24 2.96 2.24
N GLY A 16 8.90 2.98 3.40
CA GLY A 16 9.17 1.76 4.16
C GLY A 16 7.93 0.93 4.46
N GLY A 17 6.87 1.60 4.90
CA GLY A 17 5.62 0.92 5.20
C GLY A 17 4.97 0.29 3.98
N ASN A 18 4.98 1.01 2.87
CA ASN A 18 4.45 0.48 1.60
C ASN A 18 5.22 -0.74 1.12
N ILE A 19 6.55 -0.72 1.25
CA ILE A 19 7.36 -1.88 0.86
C ILE A 19 6.93 -3.11 1.65
N ALA A 20 6.84 -2.97 2.97
CA ALA A 20 6.43 -4.07 3.84
C ALA A 20 5.07 -4.64 3.44
N TYR A 21 4.15 -3.72 3.15
CA TYR A 21 2.77 -4.04 2.76
C TYR A 21 2.74 -4.92 1.51
N ILE A 22 3.49 -4.50 0.49
CA ILE A 22 3.51 -5.19 -0.80
C ILE A 22 4.29 -6.49 -0.74
N VAL A 23 5.44 -6.49 -0.08
CA VAL A 23 6.23 -7.70 0.11
C VAL A 23 5.39 -8.76 0.82
N GLY A 24 4.71 -8.34 1.88
CA GLY A 24 3.81 -9.23 2.62
C GLY A 24 2.66 -9.74 1.77
N LYS A 25 2.00 -8.83 1.05
CA LYS A 25 0.90 -9.20 0.16
C LYS A 25 1.32 -10.27 -0.85
N ASP A 26 2.49 -10.10 -1.46
CA ASP A 26 2.99 -11.04 -2.48
C ASP A 26 3.58 -12.31 -1.87
N ASN A 27 3.74 -12.35 -0.54
CA ASN A 27 4.44 -13.43 0.14
C ASN A 27 5.85 -13.65 -0.45
N LEU A 28 6.50 -12.54 -0.79
CA LEU A 28 7.87 -12.58 -1.34
C LEU A 28 8.89 -12.96 -0.27
N ALA A 29 8.67 -12.45 0.94
CA ALA A 29 9.60 -12.70 2.05
C ALA A 29 8.97 -12.28 3.37
N ASP A 30 9.63 -12.64 4.46
CA ASP A 30 9.35 -12.04 5.77
C ASP A 30 9.97 -10.64 5.74
N VAL A 31 9.40 -9.74 6.53
CA VAL A 31 9.85 -8.35 6.56
C VAL A 31 10.22 -7.92 7.99
N VAL A 32 11.35 -7.25 8.12
CA VAL A 32 11.72 -6.56 9.36
C VAL A 32 11.70 -5.06 9.09
N LEU A 33 10.74 -4.37 9.68
CA LEU A 33 10.66 -2.91 9.61
C LEU A 33 11.51 -2.31 10.73
N PHE A 34 12.61 -1.66 10.35
CA PHE A 34 13.50 -1.02 11.31
C PHE A 34 13.28 0.49 11.32
N ASP A 35 13.26 1.09 12.51
CA ASP A 35 13.27 2.54 12.63
C ASP A 35 13.79 2.95 14.00
N ILE A 36 14.36 4.15 14.08
CA ILE A 36 14.82 4.71 15.37
C ILE A 36 13.68 5.37 16.13
N ALA A 37 12.61 5.74 15.42
CA ALA A 37 11.44 6.36 16.04
C ALA A 37 10.62 5.32 16.80
N GLU A 38 10.28 5.62 18.04
CA GLU A 38 9.55 4.68 18.91
C GLU A 38 8.13 4.46 18.39
N GLY A 39 7.68 3.22 18.42
CA GLY A 39 6.30 2.88 18.06
C GLY A 39 6.00 2.73 16.58
N ILE A 40 6.56 3.60 15.75
CA ILE A 40 6.21 3.67 14.32
C ILE A 40 6.31 2.31 13.63
N PRO A 41 7.50 1.69 13.61
CA PRO A 41 7.60 0.40 12.91
C PRO A 41 6.73 -0.69 13.53
N GLN A 42 6.58 -0.67 14.86
CA GLN A 42 5.76 -1.64 15.57
C GLN A 42 4.29 -1.53 15.15
N GLY A 43 3.78 -0.30 15.11
CA GLY A 43 2.40 -0.04 14.73
C GLY A 43 2.09 -0.45 13.29
N LYS A 44 2.98 -0.11 12.38
CA LYS A 44 2.83 -0.49 10.98
C LYS A 44 2.92 -1.99 10.79
N ALA A 45 3.85 -2.63 11.49
CA ALA A 45 4.02 -4.09 11.41
C ALA A 45 2.79 -4.85 11.92
N LEU A 46 2.21 -4.40 13.03
CA LEU A 46 1.01 -5.02 13.58
C LEU A 46 -0.17 -4.87 12.61
N ASP A 47 -0.32 -3.66 12.07
CA ASP A 47 -1.38 -3.36 11.12
C ASP A 47 -1.26 -4.22 9.86
N ILE A 48 -0.06 -4.28 9.30
CA ILE A 48 0.20 -5.08 8.10
C ILE A 48 0.03 -6.58 8.40
N THR A 49 0.43 -7.01 9.59
CA THR A 49 0.25 -8.39 10.02
C THR A 49 -1.22 -8.79 9.94
N HIS A 50 -2.12 -7.93 10.40
CA HIS A 50 -3.56 -8.21 10.34
C HIS A 50 -4.08 -8.40 8.92
N SER A 51 -3.44 -7.74 7.96
CA SER A 51 -3.83 -7.83 6.55
C SER A 51 -3.37 -9.13 5.87
N MET A 52 -2.38 -9.80 6.45
CA MET A 52 -1.79 -10.98 5.81
C MET A 52 -2.80 -12.10 5.55
N VAL A 53 -3.64 -12.38 6.53
CA VAL A 53 -4.69 -13.40 6.36
C VAL A 53 -5.68 -12.99 5.25
N MET A 54 -5.92 -11.70 5.09
CA MET A 54 -6.83 -11.20 4.05
C MET A 54 -6.24 -11.45 2.66
N PHE A 55 -4.93 -11.30 2.54
CA PHE A 55 -4.21 -11.55 1.28
C PHE A 55 -3.85 -13.02 1.07
N GLY A 56 -4.09 -13.86 2.07
CA GLY A 56 -3.71 -15.26 2.02
C GLY A 56 -2.21 -15.48 2.08
N SER A 57 -1.49 -14.57 2.73
CA SER A 57 -0.04 -14.65 2.85
C SER A 57 0.36 -15.12 4.25
N THR A 58 1.44 -15.88 4.34
CA THR A 58 1.99 -16.29 5.64
C THR A 58 3.28 -15.54 5.98
N SER A 59 3.57 -14.46 5.25
CA SER A 59 4.72 -13.61 5.54
C SER A 59 4.61 -13.07 6.96
N LYS A 60 5.74 -13.08 7.69
CA LYS A 60 5.83 -12.43 8.99
C LYS A 60 6.38 -11.03 8.81
N VAL A 61 5.74 -10.06 9.46
CA VAL A 61 6.16 -8.66 9.41
C VAL A 61 6.28 -8.15 10.84
N ILE A 62 7.51 -7.80 11.25
CA ILE A 62 7.77 -7.28 12.60
C ILE A 62 8.43 -5.91 12.55
N GLY A 63 8.22 -5.13 13.63
CA GLY A 63 8.81 -3.81 13.78
C GLY A 63 9.86 -3.83 14.87
N THR A 64 10.95 -3.09 14.68
CA THR A 64 12.06 -3.11 15.62
C THR A 64 12.90 -1.84 15.58
N ASN A 65 13.69 -1.64 16.64
CA ASN A 65 14.69 -0.58 16.70
C ASN A 65 16.08 -1.14 16.94
N ASP A 66 16.24 -2.45 16.70
CA ASP A 66 17.45 -3.18 17.03
C ASP A 66 18.05 -3.82 15.78
N TYR A 67 19.26 -3.43 15.43
CA TYR A 67 19.92 -3.96 14.23
C TYR A 67 20.19 -5.46 14.29
N ALA A 68 20.24 -6.02 15.49
CA ALA A 68 20.37 -7.48 15.64
C ALA A 68 19.24 -8.23 14.93
N ASP A 69 18.06 -7.59 14.85
CA ASP A 69 16.89 -8.21 14.19
C ASP A 69 16.97 -8.25 12.66
N ILE A 70 17.93 -7.56 12.04
CA ILE A 70 18.11 -7.67 10.59
C ILE A 70 19.15 -8.75 10.22
N SER A 71 19.63 -9.48 11.23
CA SER A 71 20.55 -10.59 11.01
C SER A 71 19.99 -11.59 10.00
N GLY A 72 20.84 -12.04 9.08
CA GLY A 72 20.44 -13.03 8.07
C GLY A 72 19.52 -12.50 6.98
N SER A 73 19.41 -11.19 6.86
CA SER A 73 18.57 -10.57 5.82
C SER A 73 19.18 -10.83 4.45
N ASP A 74 18.35 -11.28 3.51
CA ASP A 74 18.79 -11.51 2.13
C ASP A 74 18.88 -10.20 1.38
N VAL A 75 17.91 -9.32 1.63
CA VAL A 75 17.88 -8.00 1.01
C VAL A 75 17.71 -6.94 2.09
N VAL A 76 18.44 -5.83 1.94
CA VAL A 76 18.27 -4.67 2.80
C VAL A 76 17.88 -3.49 1.93
N ILE A 77 16.74 -2.88 2.21
CA ILE A 77 16.26 -1.72 1.48
C ILE A 77 16.34 -0.51 2.40
N ILE A 78 17.13 0.49 2.01
CA ILE A 78 17.39 1.67 2.85
C ILE A 78 16.52 2.85 2.45
N THR A 79 15.59 3.22 3.31
CA THR A 79 14.70 4.35 3.09
C THR A 79 14.94 5.49 4.10
N ALA A 80 15.82 5.27 5.06
CA ALA A 80 16.02 6.20 6.18
C ALA A 80 16.46 7.57 5.68
N SER A 81 15.88 8.61 6.26
CA SER A 81 16.12 9.98 5.81
C SER A 81 15.75 11.00 6.88
N ILE A 82 16.42 12.14 6.85
CA ILE A 82 16.04 13.29 7.69
C ILE A 82 14.67 13.79 7.25
N PRO A 83 13.91 14.42 8.16
CA PRO A 83 12.53 14.79 7.84
C PRO A 83 12.42 15.95 6.84
N GLY A 84 11.27 16.02 6.17
CA GLY A 84 10.97 17.13 5.27
C GLY A 84 11.36 16.85 3.84
N ARG A 85 10.46 17.17 2.90
CA ARG A 85 10.74 17.00 1.48
C ARG A 85 11.77 18.03 1.00
N PRO A 86 12.50 17.73 -0.07
CA PRO A 86 13.33 18.73 -0.71
C PRO A 86 12.47 19.82 -1.34
N LYS A 87 12.92 21.07 -1.23
CA LYS A 87 12.20 22.19 -1.84
C LYS A 87 12.40 22.18 -3.36
N ASP A 88 13.65 22.31 -3.79
CA ASP A 88 13.98 22.45 -5.21
C ASP A 88 14.83 21.31 -5.77
N ASP A 89 15.70 20.72 -4.94
CA ASP A 89 16.63 19.69 -5.40
C ASP A 89 16.80 18.59 -4.35
N ARG A 90 16.87 17.35 -4.82
CA ARG A 90 17.07 16.18 -3.96
C ARG A 90 18.37 16.27 -3.14
N SER A 91 19.34 17.02 -3.65
CA SER A 91 20.65 17.15 -3.00
C SER A 91 20.62 17.97 -1.69
N GLU A 92 19.51 18.63 -1.41
CA GLU A 92 19.33 19.35 -0.14
C GLU A 92 19.47 18.43 1.08
N LEU A 93 19.18 17.15 0.89
CA LEU A 93 19.26 16.15 1.96
C LEU A 93 20.66 15.52 2.09
N LEU A 94 21.61 15.98 1.28
CA LEU A 94 22.94 15.35 1.16
C LEU A 94 23.64 15.12 2.50
N PHE A 95 23.87 16.19 3.25
CA PHE A 95 24.72 16.13 4.44
C PHE A 95 24.10 15.27 5.54
N GLY A 96 22.81 15.48 5.80
CA GLY A 96 22.12 14.71 6.84
C GLY A 96 21.98 13.23 6.53
N ASN A 97 21.63 12.90 5.29
CA ASN A 97 21.42 11.50 4.92
C ASN A 97 22.71 10.71 4.79
N ALA A 98 23.79 11.38 4.38
CA ALA A 98 25.11 10.75 4.39
C ALA A 98 25.46 10.24 5.80
N ARG A 99 25.16 11.05 6.81
CA ARG A 99 25.41 10.69 8.20
C ARG A 99 24.53 9.53 8.65
N ILE A 100 23.27 9.51 8.24
CA ILE A 100 22.38 8.38 8.53
C ILE A 100 22.97 7.10 7.96
N LEU A 101 23.39 7.15 6.69
CA LEU A 101 23.91 5.96 6.02
C LEU A 101 25.21 5.42 6.63
N ASP A 102 25.99 6.29 7.26
CA ASP A 102 27.16 5.85 8.05
C ASP A 102 26.72 4.86 9.12
N SER A 103 25.67 5.22 9.85
CA SER A 103 25.12 4.37 10.90
C SER A 103 24.51 3.09 10.34
N VAL A 104 23.74 3.22 9.26
CA VAL A 104 23.12 2.04 8.62
C VAL A 104 24.19 1.06 8.14
N ALA A 105 25.27 1.60 7.59
CA ALA A 105 26.39 0.78 7.10
C ALA A 105 27.02 -0.06 8.19
N GLU A 106 27.12 0.50 9.40
CA GLU A 106 27.66 -0.23 10.54
C GLU A 106 26.73 -1.38 10.96
N GLY A 107 25.43 -1.15 10.92
CA GLY A 107 24.45 -2.19 11.22
C GLY A 107 24.51 -3.34 10.23
N VAL A 108 24.51 -3.01 8.93
CA VAL A 108 24.55 -4.01 7.87
C VAL A 108 25.86 -4.79 7.90
N LYS A 109 26.98 -4.08 8.05
CA LYS A 109 28.30 -4.71 8.11
C LYS A 109 28.40 -5.72 9.25
N LYS A 110 27.76 -5.41 10.37
CA LYS A 110 27.81 -6.28 11.54
C LYS A 110 26.87 -7.49 11.45
N TYR A 111 25.65 -7.26 10.96
CA TYR A 111 24.59 -8.28 11.08
C TYR A 111 24.20 -9.00 9.79
N CYS A 112 24.36 -8.35 8.64
CA CYS A 112 24.06 -9.01 7.37
C CYS A 112 24.96 -8.50 6.23
N PRO A 113 26.27 -8.76 6.32
CA PRO A 113 27.22 -8.27 5.32
C PRO A 113 27.07 -8.92 3.93
N ASN A 114 26.38 -10.06 3.85
CA ASN A 114 26.14 -10.73 2.56
C ASN A 114 24.81 -10.34 1.90
N ALA A 115 24.13 -9.34 2.46
CA ALA A 115 22.83 -8.91 1.94
C ALA A 115 22.99 -8.12 0.64
N PHE A 116 21.97 -8.21 -0.21
CA PHE A 116 21.85 -7.35 -1.38
C PHE A 116 21.22 -6.04 -0.93
N VAL A 117 21.93 -4.94 -1.08
CA VAL A 117 21.48 -3.65 -0.56
C VAL A 117 20.91 -2.76 -1.66
N ILE A 118 19.65 -2.34 -1.48
CA ILE A 118 18.98 -1.42 -2.39
C ILE A 118 18.74 -0.10 -1.68
N CYS A 119 19.46 0.96 -2.09
CA CYS A 119 19.29 2.29 -1.51
C CYS A 119 18.15 3.04 -2.19
N ILE A 120 17.35 3.73 -1.38
CA ILE A 120 16.32 4.64 -1.88
C ILE A 120 16.58 6.09 -1.41
N THR A 121 17.19 6.23 -0.23
CA THR A 121 17.52 7.54 0.35
C THR A 121 18.15 8.51 -0.65
N ASN A 122 17.62 9.72 -0.73
CA ASN A 122 18.13 10.77 -1.63
C ASN A 122 19.22 11.61 -0.96
N PRO A 123 20.13 12.22 -1.77
CA PRO A 123 20.22 12.14 -3.24
C PRO A 123 20.78 10.80 -3.71
N LEU A 124 19.95 10.06 -4.46
CA LEU A 124 20.12 8.63 -4.66
C LEU A 124 21.53 8.15 -5.06
N ASP A 125 22.04 8.63 -6.19
CA ASP A 125 23.29 8.11 -6.75
C ASP A 125 24.48 8.34 -5.83
N VAL A 126 24.54 9.51 -5.21
CA VAL A 126 25.62 9.85 -4.28
C VAL A 126 25.49 9.06 -2.98
N MET A 127 24.25 8.86 -2.51
CA MET A 127 24.01 8.06 -1.32
C MET A 127 24.43 6.60 -1.51
N VAL A 128 24.15 6.04 -2.70
CA VAL A 128 24.55 4.68 -3.03
C VAL A 128 26.07 4.53 -2.96
N SER A 129 26.77 5.45 -3.61
CA SER A 129 28.23 5.47 -3.63
C SER A 129 28.79 5.61 -2.22
N HIS A 130 28.21 6.52 -1.45
CA HIS A 130 28.61 6.73 -0.06
C HIS A 130 28.44 5.45 0.76
N PHE A 131 27.29 4.80 0.64
CA PHE A 131 27.03 3.57 1.39
C PHE A 131 28.02 2.45 1.04
N GLN A 132 28.31 2.28 -0.24
CA GLN A 132 29.25 1.24 -0.68
C GLN A 132 30.64 1.51 -0.09
N LYS A 133 31.07 2.76 -0.11
CA LYS A 133 32.38 3.14 0.40
C LYS A 133 32.51 2.86 1.89
N VAL A 134 31.54 3.33 2.68
CA VAL A 134 31.62 3.19 4.14
C VAL A 134 31.30 1.78 4.65
N SER A 135 30.41 1.07 3.95
CA SER A 135 30.05 -0.31 4.33
C SER A 135 31.14 -1.32 3.93
N GLY A 136 31.77 -1.08 2.78
CA GLY A 136 32.78 -2.00 2.25
C GLY A 136 32.19 -3.21 1.57
N LEU A 137 30.88 -3.22 1.34
CA LEU A 137 30.22 -4.33 0.64
C LEU A 137 30.62 -4.32 -0.83
N PRO A 138 30.62 -5.51 -1.48
CA PRO A 138 30.97 -5.57 -2.89
C PRO A 138 30.10 -4.65 -3.76
N HIS A 139 30.70 -4.02 -4.77
CA HIS A 139 29.99 -3.10 -5.65
C HIS A 139 28.73 -3.74 -6.25
N ASN A 140 28.82 -5.00 -6.65
CA ASN A 140 27.71 -5.72 -7.27
C ASN A 140 26.54 -6.03 -6.31
N LYS A 141 26.78 -5.89 -5.00
CA LYS A 141 25.76 -6.14 -3.99
C LYS A 141 25.15 -4.87 -3.41
N VAL A 142 25.54 -3.71 -3.95
CA VAL A 142 24.99 -2.43 -3.52
C VAL A 142 24.53 -1.63 -4.75
N CYS A 143 23.26 -1.24 -4.75
CA CYS A 143 22.71 -0.44 -5.84
C CYS A 143 21.62 0.49 -5.33
N GLY A 144 21.12 1.36 -6.21
CA GLY A 144 20.10 2.33 -5.84
C GLY A 144 18.86 2.22 -6.70
N MET A 145 17.68 2.33 -6.07
CA MET A 145 16.43 2.41 -6.80
C MET A 145 16.27 3.81 -7.35
N ALA A 146 16.16 3.92 -8.68
CA ALA A 146 15.86 5.19 -9.33
C ALA A 146 15.34 4.96 -10.73
N GLY A 147 16.14 4.27 -11.55
CA GLY A 147 15.82 4.00 -12.95
C GLY A 147 14.47 3.34 -13.20
N VAL A 148 14.07 2.42 -12.31
CA VAL A 148 12.77 1.75 -12.44
C VAL A 148 11.64 2.78 -12.30
N LEU A 149 11.78 3.70 -11.34
CA LEU A 149 10.79 4.76 -11.16
C LEU A 149 10.80 5.72 -12.35
N ASP A 150 11.99 6.21 -12.72
CA ASP A 150 12.12 7.16 -13.82
C ASP A 150 11.63 6.56 -15.14
N SER A 151 12.05 5.34 -15.43
CA SER A 151 11.64 4.64 -16.65
C SER A 151 10.15 4.31 -16.65
N SER A 152 9.60 3.95 -15.49
CA SER A 152 8.16 3.67 -15.39
C SER A 152 7.33 4.92 -15.69
N ARG A 153 7.77 6.07 -15.19
CA ARG A 153 7.14 7.34 -15.51
C ARG A 153 7.25 7.63 -17.01
N PHE A 154 8.45 7.45 -17.55
CA PHE A 154 8.73 7.67 -18.98
C PHE A 154 7.83 6.77 -19.84
N ARG A 155 7.80 5.48 -19.54
CA ARG A 155 6.95 4.51 -20.24
C ARG A 155 5.46 4.86 -20.14
N THR A 156 5.05 5.25 -18.93
CA THR A 156 3.65 5.59 -18.65
C THR A 156 3.19 6.79 -19.48
N PHE A 157 4.02 7.82 -19.56
CA PHE A 157 3.68 9.02 -20.31
C PHE A 157 3.59 8.76 -21.81
N ILE A 158 4.49 7.93 -22.32
CA ILE A 158 4.43 7.50 -23.72
C ILE A 158 3.15 6.70 -23.96
N ALA A 159 2.87 5.76 -23.06
CA ALA A 159 1.68 4.90 -23.16
C ALA A 159 0.38 5.71 -23.13
N GLN A 160 0.36 6.74 -22.28
CA GLN A 160 -0.82 7.61 -22.17
C GLN A 160 -1.06 8.43 -23.44
N HIS A 161 0.00 8.81 -24.13
CA HIS A 161 -0.14 9.50 -25.41
C HIS A 161 -0.81 8.59 -26.45
N PHE A 162 -0.26 7.39 -26.63
CA PHE A 162 -0.75 6.46 -27.65
C PHE A 162 -2.01 5.69 -27.23
N GLY A 163 -2.36 5.74 -25.95
CA GLY A 163 -3.53 5.01 -25.43
C GLY A 163 -3.34 3.51 -25.45
N VAL A 164 -2.16 3.05 -25.05
CA VAL A 164 -1.82 1.62 -25.03
C VAL A 164 -1.33 1.18 -23.65
N ASN A 165 -1.30 -0.13 -23.45
CA ASN A 165 -0.74 -0.73 -22.25
C ASN A 165 0.72 -0.35 -22.07
N ALA A 166 1.04 0.30 -20.94
CA ALA A 166 2.40 0.76 -20.66
C ALA A 166 3.41 -0.38 -20.61
N SER A 167 2.96 -1.58 -20.26
CA SER A 167 3.81 -2.77 -20.27
C SER A 167 4.37 -3.09 -21.65
N ASP A 168 3.69 -2.61 -22.70
CA ASP A 168 4.14 -2.84 -24.09
C ASP A 168 4.98 -1.69 -24.64
N VAL A 169 5.30 -0.71 -23.80
CA VAL A 169 6.26 0.33 -24.15
C VAL A 169 7.61 -0.01 -23.54
N SER A 170 8.64 -0.04 -24.39
CA SER A 170 10.02 -0.19 -23.93
C SER A 170 10.66 1.19 -23.93
N ALA A 171 11.17 1.61 -22.77
CA ALA A 171 11.79 2.93 -22.63
C ALA A 171 12.70 2.98 -21.39
N ASN A 172 13.88 3.57 -21.57
CA ASN A 172 14.87 3.64 -20.49
C ASN A 172 15.22 5.07 -20.15
N VAL A 173 15.39 5.32 -18.85
CA VAL A 173 16.01 6.55 -18.36
C VAL A 173 17.34 6.15 -17.75
N ILE A 174 18.39 6.88 -18.09
CA ILE A 174 19.74 6.61 -17.59
C ILE A 174 20.38 7.87 -17.03
N GLY A 175 21.52 7.70 -16.38
CA GLY A 175 22.25 8.81 -15.76
C GLY A 175 21.85 8.97 -14.30
N GLY A 176 22.21 10.10 -13.72
CA GLY A 176 21.90 10.40 -12.32
C GLY A 176 20.43 10.68 -12.12
N HIS A 177 19.91 10.29 -10.96
CA HIS A 177 18.52 10.55 -10.58
C HIS A 177 18.39 12.01 -10.14
N GLY A 178 18.27 12.89 -11.13
CA GLY A 178 18.17 14.32 -10.90
C GLY A 178 17.72 15.03 -12.16
N ASP A 179 17.86 16.35 -12.19
CA ASP A 179 17.47 17.15 -13.35
C ASP A 179 18.21 16.72 -14.63
N GLY A 180 19.43 16.21 -14.46
CA GLY A 180 20.23 15.75 -15.60
C GLY A 180 19.92 14.34 -16.11
N MET A 181 18.91 13.68 -15.54
CA MET A 181 18.54 12.33 -16.00
C MET A 181 18.25 12.35 -17.49
N VAL A 182 18.53 11.24 -18.17
CA VAL A 182 18.42 11.16 -19.62
C VAL A 182 17.39 10.11 -20.05
N PRO A 183 16.15 10.53 -20.33
CA PRO A 183 15.21 9.64 -20.98
C PRO A 183 15.62 9.44 -22.44
N ALA A 184 16.08 8.23 -22.77
CA ALA A 184 16.67 7.95 -24.07
C ALA A 184 15.59 7.71 -25.12
N THR A 185 15.16 8.78 -25.78
CA THR A 185 14.10 8.69 -26.78
C THR A 185 14.46 7.80 -27.98
N SER A 186 15.76 7.69 -28.28
CA SER A 186 16.21 6.96 -29.47
C SER A 186 15.88 5.47 -29.43
N SER A 187 15.87 4.88 -28.23
CA SER A 187 15.61 3.45 -28.06
C SER A 187 14.21 3.15 -27.51
N VAL A 188 13.31 4.13 -27.59
CA VAL A 188 11.92 3.89 -27.23
C VAL A 188 11.24 3.07 -28.31
N SER A 189 10.41 2.11 -27.91
CA SER A 189 9.55 1.40 -28.86
C SER A 189 8.20 1.05 -28.23
N VAL A 190 7.17 1.02 -29.06
CA VAL A 190 5.82 0.65 -28.63
C VAL A 190 5.41 -0.56 -29.46
N GLY A 191 5.43 -1.73 -28.83
CA GLY A 191 5.14 -2.99 -29.53
C GLY A 191 6.10 -3.29 -30.66
N GLY A 192 7.33 -2.79 -30.57
CA GLY A 192 8.34 -2.95 -31.61
C GLY A 192 8.50 -1.76 -32.55
N VAL A 193 7.56 -0.81 -32.50
CA VAL A 193 7.58 0.35 -33.38
C VAL A 193 8.33 1.52 -32.74
N PRO A 194 9.35 2.06 -33.42
CA PRO A 194 10.11 3.19 -32.87
C PRO A 194 9.39 4.53 -33.02
N LEU A 195 9.79 5.51 -32.21
CA LEU A 195 9.16 6.84 -32.25
C LEU A 195 9.30 7.51 -33.62
N SER A 196 10.42 7.28 -34.30
CA SER A 196 10.64 7.82 -35.64
C SER A 196 9.52 7.42 -36.61
N SER A 197 9.01 6.19 -36.48
CA SER A 197 7.91 5.73 -37.32
C SER A 197 6.61 6.43 -36.98
N PHE A 198 6.33 6.58 -35.69
CA PHE A 198 5.12 7.28 -35.24
C PHE A 198 5.11 8.75 -35.69
N ILE A 199 6.29 9.37 -35.74
CA ILE A 199 6.43 10.74 -36.26
C ILE A 199 6.04 10.80 -37.74
N LYS A 200 6.58 9.87 -38.54
CA LYS A 200 6.26 9.79 -39.97
C LYS A 200 4.77 9.51 -40.22
N GLN A 201 4.15 8.73 -39.34
CA GLN A 201 2.73 8.39 -39.48
C GLN A 201 1.81 9.49 -38.96
N GLY A 202 2.38 10.50 -38.31
CA GLY A 202 1.61 11.63 -37.80
C GLY A 202 0.88 11.37 -36.49
N LEU A 203 1.33 10.34 -35.76
CA LEU A 203 0.67 9.95 -34.50
C LEU A 203 1.34 10.54 -33.27
N ILE A 204 2.55 11.07 -33.43
CA ILE A 204 3.20 11.85 -32.37
C ILE A 204 4.17 12.88 -33.00
N THR A 205 4.33 14.02 -32.35
CA THR A 205 5.27 15.04 -32.82
C THR A 205 6.52 15.05 -31.94
N GLN A 206 7.60 15.60 -32.48
CA GLN A 206 8.84 15.74 -31.72
C GLN A 206 8.64 16.65 -30.50
N GLU A 207 7.80 17.68 -30.63
CA GLU A 207 7.46 18.55 -29.50
C GLU A 207 6.75 17.77 -28.39
N GLN A 208 5.83 16.88 -28.78
CA GLN A 208 5.15 16.02 -27.81
C GLN A 208 6.14 15.08 -27.12
N ILE A 209 7.10 14.57 -27.87
CA ILE A 209 8.17 13.75 -27.31
C ILE A 209 9.01 14.56 -26.32
N ASP A 210 9.33 15.80 -26.69
CA ASP A 210 10.10 16.70 -25.81
C ASP A 210 9.34 16.98 -24.51
N GLU A 211 8.02 17.16 -24.60
CA GLU A 211 7.17 17.38 -23.44
C GLU A 211 7.21 16.18 -22.49
N ILE A 212 7.13 14.98 -23.07
CA ILE A 212 7.21 13.72 -22.31
C ILE A 212 8.56 13.59 -21.60
N VAL A 213 9.63 13.99 -22.28
CA VAL A 213 10.98 13.96 -21.69
C VAL A 213 11.05 14.94 -20.51
N CYS A 214 10.53 16.14 -20.71
CA CYS A 214 10.48 17.16 -19.65
C CYS A 214 9.62 16.69 -18.47
N HIS A 215 8.47 16.12 -18.78
CA HIS A 215 7.53 15.62 -17.77
C HIS A 215 8.19 14.54 -16.90
N THR A 216 8.93 13.64 -17.55
CA THR A 216 9.70 12.62 -16.85
C THR A 216 10.71 13.23 -15.88
N ARG A 217 11.41 14.26 -16.34
CA ARG A 217 12.45 14.90 -15.53
C ARG A 217 11.89 15.62 -14.29
N ILE A 218 10.73 16.25 -14.44
CA ILE A 218 10.13 17.03 -13.34
C ILE A 218 9.02 16.30 -12.58
N ALA A 219 8.81 15.01 -12.90
CA ALA A 219 7.71 14.24 -12.33
C ALA A 219 7.69 14.24 -10.80
N TRP A 220 8.86 14.21 -10.17
CA TRP A 220 8.93 14.17 -8.71
C TRP A 220 8.28 15.40 -8.06
N LYS A 221 8.44 16.57 -8.66
CA LYS A 221 7.86 17.81 -8.16
C LYS A 221 6.35 17.86 -8.36
N GLU A 222 5.88 17.32 -9.49
CA GLU A 222 4.45 17.27 -9.79
C GLU A 222 3.70 16.48 -8.71
N VAL A 223 4.25 15.34 -8.32
CA VAL A 223 3.66 14.53 -7.26
C VAL A 223 3.81 15.25 -5.91
N ALA A 224 5.03 15.69 -5.62
CA ALA A 224 5.35 16.34 -4.34
C ALA A 224 4.50 17.59 -4.07
N ASP A 225 4.32 18.43 -5.08
CA ASP A 225 3.54 19.66 -4.94
C ASP A 225 2.06 19.39 -4.70
N ASN A 226 1.57 18.26 -5.18
CA ASN A 226 0.18 17.86 -4.95
C ASN A 226 -0.02 17.20 -3.58
N LEU A 227 0.93 16.36 -3.17
CA LEU A 227 0.87 15.71 -1.85
C LEU A 227 1.08 16.70 -0.70
N LYS A 228 1.92 17.71 -0.94
CA LYS A 228 2.20 18.79 0.02
C LYS A 228 3.06 18.37 1.22
N THR A 229 2.71 17.27 1.87
CA THR A 229 3.40 16.82 3.08
C THR A 229 4.64 15.95 2.81
N GLY A 230 4.91 15.63 1.55
CA GLY A 230 6.09 14.83 1.21
C GLY A 230 6.23 14.50 -0.27
N THR A 231 7.22 13.66 -0.56
CA THR A 231 7.49 13.22 -1.93
C THR A 231 6.75 11.91 -2.23
N ALA A 232 6.85 11.44 -3.48
CA ALA A 232 6.18 10.21 -3.91
C ALA A 232 6.60 9.02 -3.07
N TYR A 233 5.70 8.06 -2.87
CA TYR A 233 6.01 6.88 -2.08
C TYR A 233 5.34 5.57 -2.49
N PHE A 234 4.24 5.63 -3.24
CA PHE A 234 3.60 4.42 -3.76
C PHE A 234 4.44 3.75 -4.85
N ALA A 235 4.84 4.52 -5.86
CA ALA A 235 5.64 3.98 -6.97
C ALA A 235 7.10 3.67 -6.58
N PRO A 236 7.75 4.56 -5.81
CA PRO A 236 9.10 4.21 -5.34
C PRO A 236 9.15 2.92 -4.53
N ALA A 237 8.14 2.67 -3.72
CA ALA A 237 8.04 1.43 -2.95
C ALA A 237 7.92 0.22 -3.88
N ALA A 238 7.02 0.32 -4.84
CA ALA A 238 6.79 -0.77 -5.80
C ALA A 238 8.03 -1.06 -6.61
N ALA A 239 8.75 -0.01 -7.01
CA ALA A 239 10.00 -0.14 -7.77
C ALA A 239 11.03 -0.93 -6.99
N ALA A 240 11.18 -0.62 -5.70
CA ALA A 240 12.12 -1.33 -4.84
C ALA A 240 11.79 -2.81 -4.71
N VAL A 241 10.49 -3.13 -4.65
CA VAL A 241 10.03 -4.51 -4.55
C VAL A 241 10.36 -5.29 -5.83
N LYS A 242 10.18 -4.65 -6.98
CA LYS A 242 10.55 -5.28 -8.26
C LYS A 242 12.03 -5.64 -8.29
N MET A 243 12.87 -4.75 -7.75
CA MET A 243 14.31 -5.01 -7.65
C MET A 243 14.63 -6.14 -6.68
N ALA A 244 13.93 -6.17 -5.55
CA ALA A 244 14.08 -7.26 -4.58
C ALA A 244 13.66 -8.60 -5.16
N GLU A 245 12.55 -8.61 -5.91
CA GLU A 245 12.08 -9.79 -6.64
C GLU A 245 13.13 -10.36 -7.58
N ALA A 246 13.75 -9.48 -8.36
CA ALA A 246 14.77 -9.88 -9.33
C ALA A 246 15.92 -10.62 -8.67
N TYR A 247 16.34 -10.13 -7.51
CA TYR A 247 17.41 -10.77 -6.75
C TYR A 247 16.96 -12.10 -6.15
N LEU A 248 15.86 -12.07 -5.41
CA LEU A 248 15.38 -13.25 -4.67
C LEU A 248 14.96 -14.41 -5.57
N LYS A 249 14.43 -14.09 -6.75
CA LYS A 249 14.00 -15.13 -7.69
C LYS A 249 15.02 -15.37 -8.81
N ASP A 250 16.16 -14.69 -8.75
CA ASP A 250 17.24 -14.87 -9.73
C ASP A 250 16.71 -14.72 -11.16
N LYS A 251 16.01 -13.62 -11.40
CA LYS A 251 15.28 -13.43 -12.66
C LYS A 251 16.14 -13.17 -13.88
N LYS A 252 17.35 -12.66 -13.67
CA LYS A 252 18.15 -12.07 -14.76
C LYS A 252 17.32 -10.99 -15.46
N ALA A 253 16.64 -10.17 -14.66
CA ALA A 253 15.77 -9.13 -15.17
C ALA A 253 16.60 -7.91 -15.57
N VAL A 254 16.19 -7.24 -16.65
CA VAL A 254 16.81 -5.99 -17.05
C VAL A 254 16.25 -4.89 -16.17
N VAL A 255 17.09 -4.35 -15.29
CA VAL A 255 16.66 -3.36 -14.31
C VAL A 255 17.48 -2.09 -14.44
N PRO A 256 16.84 -0.99 -14.88
CA PRO A 256 17.53 0.29 -14.79
C PRO A 256 17.67 0.69 -13.32
N CYS A 257 18.90 0.85 -12.86
CA CYS A 257 19.16 1.23 -11.47
C CYS A 257 20.54 1.88 -11.35
N SER A 258 20.79 2.50 -10.21
CA SER A 258 22.08 3.13 -9.95
C SER A 258 23.08 2.04 -9.56
N ALA A 259 23.99 1.72 -10.48
CA ALA A 259 24.95 0.64 -10.29
C ALA A 259 26.36 1.11 -10.62
N PHE A 260 27.35 0.37 -10.14
CA PHE A 260 28.75 0.72 -10.36
C PHE A 260 29.18 0.37 -11.78
N CYS A 261 29.32 1.40 -12.61
CA CYS A 261 29.61 1.24 -14.04
C CYS A 261 31.08 1.51 -14.33
N SER A 262 31.79 0.48 -14.83
CA SER A 262 33.24 0.54 -14.98
C SER A 262 33.78 0.42 -16.41
N ASN A 263 33.10 -0.33 -17.27
CA ASN A 263 33.56 -0.54 -18.65
C ASN A 263 32.50 -0.24 -19.69
N HIS A 264 31.60 0.69 -19.37
CA HIS A 264 30.50 1.05 -20.25
C HIS A 264 30.23 2.54 -20.18
N TYR A 265 29.60 3.08 -21.22
CA TYR A 265 29.19 4.50 -21.28
C TYR A 265 30.32 5.51 -21.05
N GLY A 266 31.54 5.11 -21.38
CA GLY A 266 32.71 5.98 -21.27
C GLY A 266 33.12 6.39 -19.86
N VAL A 267 32.72 5.61 -18.86
CA VAL A 267 33.10 5.88 -17.46
C VAL A 267 33.93 4.73 -16.89
N LYS A 268 34.76 5.04 -15.90
CA LYS A 268 35.71 4.06 -15.36
C LYS A 268 35.54 3.85 -13.86
N GLY A 269 34.30 3.72 -13.40
CA GLY A 269 34.00 3.42 -12.00
C GLY A 269 33.19 4.52 -11.33
N ILE A 270 31.90 4.55 -11.64
CA ILE A 270 30.98 5.51 -11.04
C ILE A 270 29.59 4.89 -10.88
N TYR A 271 28.93 5.21 -9.76
CA TYR A 271 27.54 4.82 -9.56
C TYR A 271 26.61 5.77 -10.31
N MET A 272 25.90 5.25 -11.30
CA MET A 272 24.89 6.02 -12.03
C MET A 272 23.83 5.10 -12.64
N GLY A 273 22.72 5.71 -13.07
CA GLY A 273 21.63 4.96 -13.68
C GLY A 273 22.02 4.31 -15.00
N VAL A 274 21.95 2.99 -15.04
CA VAL A 274 22.21 2.21 -16.25
C VAL A 274 21.31 0.97 -16.29
N PRO A 275 21.10 0.39 -17.48
CA PRO A 275 20.37 -0.88 -17.55
C PRO A 275 21.23 -2.05 -17.08
N THR A 276 20.85 -2.66 -15.97
CA THR A 276 21.59 -3.79 -15.41
C THR A 276 20.82 -5.09 -15.61
N ILE A 277 21.52 -6.21 -15.42
CA ILE A 277 20.89 -7.51 -15.25
C ILE A 277 21.03 -7.86 -13.77
N ILE A 278 19.91 -8.10 -13.10
CA ILE A 278 19.91 -8.48 -11.69
C ILE A 278 19.48 -9.93 -11.49
N GLY A 279 20.28 -10.67 -10.72
CA GLY A 279 19.96 -12.05 -10.35
C GLY A 279 20.45 -12.36 -8.94
N LYS A 280 20.64 -13.64 -8.65
CA LYS A 280 21.04 -14.10 -7.32
C LYS A 280 22.41 -13.59 -6.86
N ASN A 281 23.27 -13.17 -7.79
CA ASN A 281 24.56 -12.57 -7.47
C ASN A 281 24.54 -11.03 -7.48
N GLY A 282 23.34 -10.45 -7.42
CA GLY A 282 23.18 -9.00 -7.40
C GLY A 282 23.20 -8.43 -8.80
N VAL A 283 23.95 -7.34 -8.99
CA VAL A 283 24.15 -6.74 -10.31
C VAL A 283 25.15 -7.60 -11.07
N GLU A 284 24.69 -8.32 -12.07
CA GLU A 284 25.50 -9.33 -12.75
C GLU A 284 26.07 -8.85 -14.10
N ASP A 285 25.46 -7.81 -14.67
CA ASP A 285 25.94 -7.24 -15.92
C ASP A 285 25.32 -5.86 -16.15
N ILE A 286 25.90 -5.10 -17.08
CA ILE A 286 25.33 -3.82 -17.53
C ILE A 286 25.21 -3.84 -19.05
N LEU A 287 24.05 -3.45 -19.56
CA LEU A 287 23.81 -3.40 -21.00
C LEU A 287 24.16 -2.02 -21.58
N GLU A 288 24.68 -2.02 -22.80
CA GLU A 288 25.08 -0.78 -23.49
C GLU A 288 24.03 -0.37 -24.52
N LEU A 289 23.25 0.66 -24.19
CA LEU A 289 22.26 1.22 -25.12
C LEU A 289 22.95 1.93 -26.29
N ASP A 290 22.25 1.98 -27.42
CA ASP A 290 22.75 2.69 -28.60
C ASP A 290 22.33 4.15 -28.50
N LEU A 291 23.22 4.97 -27.95
CA LEU A 291 22.94 6.39 -27.73
C LEU A 291 23.36 7.24 -28.92
N THR A 292 22.55 8.23 -29.26
CA THR A 292 22.90 9.21 -30.26
C THR A 292 23.98 10.14 -29.71
N PRO A 293 24.68 10.89 -30.59
CA PRO A 293 25.64 11.87 -30.10
C PRO A 293 25.05 12.85 -29.09
N LEU A 294 23.83 13.33 -29.35
CA LEU A 294 23.13 14.21 -28.42
C LEU A 294 22.93 13.54 -27.05
N GLU A 295 22.45 12.29 -27.08
CA GLU A 295 22.22 11.53 -25.84
C GLU A 295 23.51 11.26 -25.07
N GLN A 296 24.60 10.99 -25.80
CA GLN A 296 25.92 10.82 -25.19
C GLN A 296 26.38 12.10 -24.49
N LYS A 297 26.10 13.25 -25.09
CA LYS A 297 26.44 14.54 -24.50
C LYS A 297 25.60 14.82 -23.25
N LEU A 298 24.30 14.54 -23.33
CA LEU A 298 23.42 14.70 -22.17
C LEU A 298 23.83 13.78 -21.03
N LEU A 299 24.24 12.55 -21.34
CA LEU A 299 24.74 11.63 -20.33
C LEU A 299 26.03 12.14 -19.69
N GLY A 300 26.89 12.75 -20.51
CA GLY A 300 28.10 13.41 -20.02
C GLY A 300 27.79 14.50 -19.00
N GLU A 301 26.78 15.31 -19.31
CA GLU A 301 26.34 16.38 -18.41
C GLU A 301 25.75 15.82 -17.10
N SER A 302 25.07 14.68 -17.19
CA SER A 302 24.54 14.01 -16.01
C SER A 302 25.67 13.52 -15.11
N ILE A 303 26.68 12.91 -15.72
CA ILE A 303 27.87 12.44 -15.00
C ILE A 303 28.55 13.59 -14.25
N ASN A 304 28.68 14.75 -14.91
CA ASN A 304 29.24 15.95 -14.27
C ASN A 304 28.43 16.36 -13.05
N GLU A 305 27.10 16.30 -13.19
CA GLU A 305 26.17 16.60 -12.11
C GLU A 305 26.40 15.68 -10.90
N VAL A 306 26.59 14.39 -11.17
CA VAL A 306 26.84 13.39 -10.14
C VAL A 306 28.18 13.64 -9.44
N ASN A 307 29.22 13.87 -10.22
CA ASN A 307 30.55 14.19 -9.68
C ASN A 307 30.56 15.47 -8.85
N THR A 308 29.80 16.47 -9.27
CA THR A 308 29.73 17.74 -8.56
C THR A 308 29.17 17.57 -7.14
N ILE A 309 28.04 16.87 -7.03
CA ILE A 309 27.41 16.65 -5.73
C ILE A 309 28.27 15.73 -4.87
N SER A 310 28.94 14.76 -5.51
CA SER A 310 29.85 13.86 -4.83
C SER A 310 31.03 14.61 -4.21
N LYS A 311 31.54 15.62 -4.91
CA LYS A 311 32.67 16.43 -4.42
C LYS A 311 32.24 17.35 -3.28
N VAL A 312 31.01 17.84 -3.33
CA VAL A 312 30.43 18.61 -2.23
C VAL A 312 30.39 17.76 -0.96
N LEU A 313 30.03 16.48 -1.10
CA LEU A 313 29.98 15.56 0.03
C LEU A 313 31.37 15.28 0.59
N ASP A 314 32.35 15.09 -0.30
CA ASP A 314 33.74 14.88 0.11
C ASP A 314 34.28 16.04 0.93
N ASN A 315 33.76 17.25 0.69
CA ASN A 315 34.14 18.45 1.45
C ASN A 315 33.01 18.92 2.36
N ALA A 316 32.33 17.97 3.00
CA ALA A 316 31.24 18.28 3.92
C ALA A 316 31.81 18.75 5.26
N PRO A 317 31.05 19.58 6.00
CA PRO A 317 31.55 20.12 7.28
C PRO A 317 31.63 19.06 8.37
N MET B 1 -21.25 -5.54 -25.00
CA MET B 1 -20.20 -4.50 -24.81
C MET B 1 -19.79 -4.41 -23.35
N ILE B 2 -18.69 -5.09 -23.02
CA ILE B 2 -18.14 -5.05 -21.66
C ILE B 2 -17.49 -3.70 -21.38
N GLU B 3 -17.66 -3.21 -20.15
CA GLU B 3 -17.04 -1.98 -19.70
C GLU B 3 -16.08 -2.30 -18.56
N ARG B 4 -15.07 -1.46 -18.38
CA ARG B 4 -14.16 -1.59 -17.25
C ARG B 4 -14.94 -1.44 -15.96
N ARG B 5 -14.59 -2.25 -14.96
CA ARG B 5 -15.16 -2.10 -13.63
C ARG B 5 -14.59 -0.83 -12.99
N LYS B 6 -15.40 -0.19 -12.15
CA LYS B 6 -15.07 1.13 -11.62
C LYS B 6 -15.38 1.20 -10.12
N ILE B 7 -14.36 1.56 -9.34
CA ILE B 7 -14.50 1.76 -7.90
C ILE B 7 -14.22 3.21 -7.56
N ALA B 8 -15.15 3.85 -6.85
CA ALA B 8 -14.95 5.21 -6.35
C ALA B 8 -14.53 5.15 -4.88
N VAL B 9 -13.45 5.86 -4.55
CA VAL B 9 -12.96 5.95 -3.19
C VAL B 9 -13.19 7.38 -2.70
N ILE B 10 -14.13 7.54 -1.77
CA ILE B 10 -14.51 8.86 -1.27
C ILE B 10 -13.71 9.13 0.00
N GLY B 11 -12.77 10.07 -0.10
CA GLY B 11 -11.80 10.31 0.95
C GLY B 11 -10.50 9.65 0.57
N SER B 12 -9.48 10.47 0.30
CA SER B 12 -8.19 9.97 -0.19
C SER B 12 -7.10 10.13 0.86
N GLY B 13 -7.43 9.81 2.11
CA GLY B 13 -6.47 9.85 3.21
C GLY B 13 -5.71 8.54 3.33
N GLN B 14 -5.41 8.16 4.56
CA GLN B 14 -4.56 6.98 4.82
C GLN B 14 -5.16 5.72 4.19
N ILE B 15 -6.44 5.46 4.46
CA ILE B 15 -7.11 4.25 3.97
C ILE B 15 -7.39 4.34 2.47
N GLY B 16 -7.97 5.47 2.04
CA GLY B 16 -8.34 5.67 0.65
C GLY B 16 -7.19 5.46 -0.33
N GLY B 17 -6.02 5.98 0.02
CA GLY B 17 -4.82 5.82 -0.81
C GLY B 17 -4.39 4.37 -0.95
N ASN B 18 -4.40 3.64 0.17
CA ASN B 18 -4.08 2.22 0.16
C ASN B 18 -5.06 1.37 -0.66
N ILE B 19 -6.35 1.73 -0.60
CA ILE B 19 -7.36 1.03 -1.38
C ILE B 19 -7.07 1.18 -2.88
N ALA B 20 -6.82 2.42 -3.31
CA ALA B 20 -6.50 2.70 -4.70
C ALA B 20 -5.27 1.92 -5.17
N TYR B 21 -4.24 1.91 -4.31
CA TYR B 21 -2.98 1.21 -4.55
C TYR B 21 -3.20 -0.27 -4.82
N ILE B 22 -3.95 -0.92 -3.93
CA ILE B 22 -4.18 -2.36 -3.98
C ILE B 22 -5.13 -2.75 -5.10
N VAL B 23 -6.21 -1.99 -5.26
CA VAL B 23 -7.16 -2.21 -6.36
C VAL B 23 -6.43 -2.15 -7.70
N GLY B 24 -5.58 -1.13 -7.86
CA GLY B 24 -4.75 -0.99 -9.06
C GLY B 24 -3.78 -2.13 -9.24
N LYS B 25 -3.06 -2.48 -8.18
CA LYS B 25 -2.10 -3.58 -8.24
C LYS B 25 -2.76 -4.88 -8.72
N ASP B 26 -3.94 -5.18 -8.19
CA ASP B 26 -4.68 -6.39 -8.55
C ASP B 26 -5.40 -6.27 -9.90
N ASN B 27 -5.42 -5.08 -10.49
CA ASN B 27 -6.21 -4.80 -11.68
C ASN B 27 -7.68 -5.20 -11.52
N LEU B 28 -8.20 -4.96 -10.32
CA LEU B 28 -9.59 -5.30 -9.99
C LEU B 28 -10.55 -4.36 -10.71
N ALA B 29 -10.15 -3.10 -10.85
CA ALA B 29 -10.99 -2.07 -11.45
C ALA B 29 -10.20 -0.78 -11.69
N ASP B 30 -10.80 0.14 -12.42
CA ASP B 30 -10.33 1.53 -12.43
C ASP B 30 -10.75 2.18 -11.12
N VAL B 31 -10.02 3.23 -10.73
CA VAL B 31 -10.24 3.91 -9.47
C VAL B 31 -10.40 5.41 -9.66
N VAL B 32 -11.42 5.96 -9.02
CA VAL B 32 -11.57 7.41 -8.89
C VAL B 32 -11.37 7.77 -7.42
N LEU B 33 -10.30 8.50 -7.14
CA LEU B 33 -10.01 8.99 -5.78
C LEU B 33 -10.62 10.37 -5.61
N PHE B 34 -11.64 10.47 -4.77
CA PHE B 34 -12.32 11.73 -4.49
C PHE B 34 -11.91 12.30 -3.14
N ASP B 35 -11.70 13.61 -3.09
CA ASP B 35 -11.47 14.32 -1.83
C ASP B 35 -11.76 15.81 -2.02
N ILE B 36 -12.11 16.48 -0.92
CA ILE B 36 -12.28 17.93 -0.93
C ILE B 36 -10.96 18.66 -0.72
N ALA B 37 -9.99 17.96 -0.12
CA ALA B 37 -8.66 18.52 0.11
C ALA B 37 -7.91 18.70 -1.21
N GLU B 38 -7.37 19.90 -1.41
CA GLU B 38 -6.74 20.27 -2.68
C GLU B 38 -5.42 19.51 -2.87
N GLY B 39 -5.22 18.96 -4.06
CA GLY B 39 -3.96 18.30 -4.42
C GLY B 39 -3.85 16.84 -4.00
N ILE B 40 -4.34 16.51 -2.81
CA ILE B 40 -4.10 15.20 -2.20
C ILE B 40 -4.51 14.01 -3.10
N PRO B 41 -5.80 13.98 -3.54
CA PRO B 41 -6.20 12.85 -4.39
C PRO B 41 -5.48 12.83 -5.75
N GLN B 42 -5.13 14.00 -6.26
CA GLN B 42 -4.43 14.11 -7.53
C GLN B 42 -2.99 13.61 -7.40
N GLY B 43 -2.34 13.99 -6.31
CA GLY B 43 -0.97 13.55 -6.03
C GLY B 43 -0.84 12.05 -5.85
N LYS B 44 -1.75 11.47 -5.06
CA LYS B 44 -1.75 10.02 -4.85
C LYS B 44 -2.10 9.27 -6.12
N ALA B 45 -3.08 9.77 -6.88
CA ALA B 45 -3.48 9.13 -8.13
C ALA B 45 -2.34 9.10 -9.15
N LEU B 46 -1.60 10.20 -9.25
CA LEU B 46 -0.45 10.26 -10.16
C LEU B 46 0.65 9.30 -9.72
N ASP B 47 0.95 9.30 -8.43
CA ASP B 47 1.96 8.42 -7.84
C ASP B 47 1.60 6.96 -8.10
N ILE B 48 0.37 6.58 -7.75
CA ILE B 48 -0.11 5.21 -7.94
C ILE B 48 -0.14 4.83 -9.42
N THR B 49 -0.52 5.78 -10.28
CA THR B 49 -0.49 5.55 -11.72
C THR B 49 0.90 5.11 -12.20
N HIS B 50 1.96 5.75 -11.70
CA HIS B 50 3.33 5.36 -12.08
C HIS B 50 3.67 3.92 -11.71
N SER B 51 3.06 3.40 -10.65
CA SER B 51 3.32 2.03 -10.20
C SER B 51 2.58 0.97 -11.02
N MET B 52 1.55 1.37 -11.76
CA MET B 52 0.73 0.40 -12.48
C MET B 52 1.53 -0.45 -13.46
N VAL B 53 2.43 0.19 -14.22
CA VAL B 53 3.30 -0.55 -15.15
C VAL B 53 4.25 -1.49 -14.40
N MET B 54 4.68 -1.10 -13.20
CA MET B 54 5.54 -1.96 -12.39
C MET B 54 4.82 -3.25 -11.98
N PHE B 55 3.52 -3.14 -11.69
CA PHE B 55 2.69 -4.28 -11.30
C PHE B 55 2.11 -5.04 -12.50
N GLY B 56 2.33 -4.51 -13.71
CA GLY B 56 1.75 -5.10 -14.92
C GLY B 56 0.23 -4.95 -14.97
N SER B 57 -0.28 -3.84 -14.43
CA SER B 57 -1.72 -3.57 -14.40
C SER B 57 -2.07 -2.42 -15.36
N THR B 58 -3.25 -2.51 -15.97
CA THR B 58 -3.73 -1.44 -16.85
C THR B 58 -4.85 -0.62 -16.19
N SER B 59 -5.04 -0.80 -14.88
CA SER B 59 -6.01 0.01 -14.14
C SER B 59 -5.67 1.49 -14.28
N LYS B 60 -6.69 2.31 -14.50
CA LYS B 60 -6.55 3.75 -14.45
C LYS B 60 -6.93 4.24 -13.06
N VAL B 61 -6.12 5.16 -12.53
CA VAL B 61 -6.36 5.75 -11.22
C VAL B 61 -6.27 7.26 -11.37
N ILE B 62 -7.39 7.95 -11.09
CA ILE B 62 -7.43 9.41 -11.20
C ILE B 62 -7.91 10.05 -9.91
N GLY B 63 -7.50 11.29 -9.67
CA GLY B 63 -7.91 12.07 -8.51
C GLY B 63 -8.86 13.17 -8.91
N THR B 64 -9.79 13.51 -8.04
CA THR B 64 -10.80 14.54 -8.35
C THR B 64 -11.42 15.15 -7.10
N ASN B 65 -12.09 16.29 -7.29
CA ASN B 65 -12.93 16.90 -6.26
C ASN B 65 -14.36 17.12 -6.74
N ASP B 66 -14.74 16.41 -7.80
CA ASP B 66 -16.03 16.58 -8.46
C ASP B 66 -16.80 15.26 -8.44
N TYR B 67 -17.97 15.27 -7.81
CA TYR B 67 -18.80 14.07 -7.69
C TYR B 67 -19.31 13.54 -9.04
N ALA B 68 -19.28 14.38 -10.08
CA ALA B 68 -19.65 13.94 -11.43
C ALA B 68 -18.70 12.84 -11.94
N ASP B 69 -17.47 12.82 -11.44
CA ASP B 69 -16.48 11.82 -11.85
C ASP B 69 -16.68 10.42 -11.26
N ILE B 70 -17.56 10.28 -10.26
CA ILE B 70 -17.89 8.95 -9.72
C ILE B 70 -19.09 8.33 -10.44
N SER B 71 -19.57 8.99 -11.48
CA SER B 71 -20.68 8.48 -12.30
C SER B 71 -20.34 7.09 -12.85
N GLY B 72 -21.30 6.18 -12.77
CA GLY B 72 -21.14 4.83 -13.28
C GLY B 72 -20.25 3.92 -12.45
N SER B 73 -19.96 4.33 -11.21
CA SER B 73 -19.14 3.52 -10.30
C SER B 73 -19.92 2.29 -9.85
N ASP B 74 -19.30 1.13 -9.95
CA ASP B 74 -19.92 -0.14 -9.55
C ASP B 74 -19.88 -0.29 -8.03
N VAL B 75 -18.79 0.17 -7.43
CA VAL B 75 -18.61 0.15 -5.98
C VAL B 75 -18.15 1.53 -5.51
N VAL B 76 -18.69 1.97 -4.38
CA VAL B 76 -18.26 3.19 -3.74
C VAL B 76 -17.79 2.85 -2.32
N ILE B 77 -16.55 3.19 -2.00
CA ILE B 77 -16.00 2.96 -0.68
C ILE B 77 -15.79 4.30 0.02
N ILE B 78 -16.44 4.48 1.16
CA ILE B 78 -16.46 5.77 1.86
C ILE B 78 -15.49 5.76 3.05
N THR B 79 -14.44 6.55 2.94
CA THR B 79 -13.48 6.75 4.03
C THR B 79 -13.48 8.18 4.57
N ALA B 80 -14.31 9.04 3.99
CA ALA B 80 -14.36 10.46 4.35
C ALA B 80 -14.56 10.62 5.85
N SER B 81 -13.75 11.46 6.49
CA SER B 81 -13.79 11.61 7.94
C SER B 81 -13.15 12.93 8.39
N ILE B 82 -13.57 13.41 9.56
CA ILE B 82 -12.90 14.52 10.24
C ILE B 82 -11.54 14.01 10.72
N PRO B 83 -10.53 14.91 10.79
CA PRO B 83 -9.18 14.47 11.12
C PRO B 83 -9.01 14.10 12.60
N GLY B 84 -7.94 13.37 12.90
CA GLY B 84 -7.57 13.04 14.28
C GLY B 84 -8.16 11.73 14.76
N ARG B 85 -7.32 10.89 15.39
CA ARG B 85 -7.77 9.61 15.93
C ARG B 85 -8.74 9.80 17.11
N PRO B 86 -9.60 8.81 17.35
CA PRO B 86 -10.39 8.81 18.59
C PRO B 86 -9.50 8.52 19.79
N LYS B 87 -9.79 9.14 20.93
CA LYS B 87 -8.99 8.94 22.13
C LYS B 87 -9.31 7.61 22.80
N ASP B 88 -10.60 7.43 23.13
CA ASP B 88 -11.05 6.25 23.88
C ASP B 88 -12.10 5.42 23.16
N ASP B 89 -12.96 6.06 22.36
CA ASP B 89 -14.06 5.38 21.70
C ASP B 89 -14.30 5.93 20.30
N ARG B 90 -14.65 5.03 19.37
CA ARG B 90 -14.87 5.40 17.97
C ARG B 90 -16.06 6.35 17.78
N SER B 91 -16.99 6.33 18.72
CA SER B 91 -18.20 7.18 18.64
C SER B 91 -17.93 8.67 18.87
N GLU B 92 -16.70 9.02 19.24
CA GLU B 92 -16.31 10.43 19.37
C GLU B 92 -16.40 11.20 18.05
N LEU B 93 -16.36 10.48 16.92
CA LEU B 93 -16.41 11.10 15.60
C LEU B 93 -17.85 11.24 15.07
N LEU B 94 -18.84 10.89 15.89
CA LEU B 94 -20.24 10.77 15.46
C LEU B 94 -20.80 11.94 14.66
N PHE B 95 -20.83 13.13 15.27
CA PHE B 95 -21.53 14.27 14.68
C PHE B 95 -20.84 14.85 13.45
N GLY B 96 -19.52 15.01 13.53
CA GLY B 96 -18.74 15.51 12.39
C GLY B 96 -18.88 14.64 11.16
N ASN B 97 -18.71 13.34 11.33
CA ASN B 97 -18.77 12.39 10.21
C ASN B 97 -20.19 12.17 9.67
N ALA B 98 -21.19 12.32 10.55
CA ALA B 98 -22.59 12.30 10.10
C ALA B 98 -22.85 13.39 9.07
N ARG B 99 -22.35 14.59 9.35
CA ARG B 99 -22.49 15.72 8.41
C ARG B 99 -21.71 15.49 7.12
N ILE B 100 -20.50 14.92 7.24
CA ILE B 100 -19.69 14.57 6.06
C ILE B 100 -20.45 13.59 5.18
N LEU B 101 -21.00 12.54 5.78
CA LEU B 101 -21.72 11.50 5.02
C LEU B 101 -23.00 11.99 4.37
N ASP B 102 -23.59 13.08 4.89
CA ASP B 102 -24.73 13.72 4.22
C ASP B 102 -24.35 14.17 2.82
N SER B 103 -23.20 14.83 2.70
CA SER B 103 -22.72 15.30 1.40
C SER B 103 -22.34 14.15 0.47
N VAL B 104 -21.76 13.09 1.04
CA VAL B 104 -21.39 11.91 0.26
C VAL B 104 -22.65 11.20 -0.26
N ALA B 105 -23.65 11.08 0.62
CA ALA B 105 -24.93 10.46 0.26
C ALA B 105 -25.61 11.14 -0.93
N GLU B 106 -25.61 12.46 -0.95
CA GLU B 106 -26.22 13.21 -2.05
C GLU B 106 -25.42 13.05 -3.34
N GLY B 107 -24.10 12.93 -3.21
CA GLY B 107 -23.24 12.66 -4.36
C GLY B 107 -23.54 11.32 -5.00
N VAL B 108 -23.60 10.27 -4.18
CA VAL B 108 -23.86 8.92 -4.65
C VAL B 108 -25.28 8.80 -5.20
N LYS B 109 -26.25 9.37 -4.48
CA LYS B 109 -27.65 9.35 -4.91
C LYS B 109 -27.82 9.97 -6.30
N LYS B 110 -27.07 11.04 -6.57
CA LYS B 110 -27.17 11.75 -7.84
C LYS B 110 -26.46 11.05 -9.00
N TYR B 111 -25.22 10.64 -8.78
CA TYR B 111 -24.35 10.21 -9.88
C TYR B 111 -24.16 8.69 -10.03
N CYS B 112 -24.32 7.92 -8.96
CA CYS B 112 -24.23 6.46 -9.06
C CYS B 112 -25.12 5.74 -8.03
N PRO B 113 -26.45 5.89 -8.17
CA PRO B 113 -27.39 5.32 -7.20
C PRO B 113 -27.49 3.78 -7.24
N ASN B 114 -26.98 3.15 -8.29
CA ASN B 114 -26.98 1.68 -8.38
C ASN B 114 -25.68 1.04 -7.88
N ALA B 115 -24.83 1.84 -7.24
CA ALA B 115 -23.54 1.35 -6.74
C ALA B 115 -23.70 0.50 -5.49
N PHE B 116 -22.75 -0.43 -5.29
CA PHE B 116 -22.60 -1.13 -4.02
C PHE B 116 -21.75 -0.25 -3.14
N VAL B 117 -22.27 0.10 -1.97
CA VAL B 117 -21.60 1.05 -1.08
C VAL B 117 -21.03 0.35 0.15
N ILE B 118 -19.72 0.52 0.36
CA ILE B 118 -19.03 -0.03 1.53
C ILE B 118 -18.52 1.12 2.38
N CYS B 119 -19.12 1.32 3.55
CA CYS B 119 -18.69 2.38 4.46
C CYS B 119 -17.54 1.92 5.33
N ILE B 120 -16.58 2.80 5.56
CA ILE B 120 -15.52 2.57 6.52
C ILE B 120 -15.52 3.63 7.64
N THR B 121 -15.96 4.84 7.31
CA THR B 121 -16.04 5.95 8.27
C THR B 121 -16.63 5.53 9.62
N ASN B 122 -15.93 5.86 10.70
CA ASN B 122 -16.41 5.59 12.07
C ASN B 122 -17.33 6.70 12.57
N PRO B 123 -18.23 6.39 13.53
CA PRO B 123 -18.50 5.06 14.11
C PRO B 123 -19.26 4.17 13.13
N LEU B 124 -18.64 3.06 12.76
CA LEU B 124 -19.00 2.29 11.56
C LEU B 124 -20.49 1.96 11.42
N ASP B 125 -21.03 1.22 12.38
CA ASP B 125 -22.39 0.69 12.27
C ASP B 125 -23.44 1.79 12.16
N VAL B 126 -23.26 2.86 12.92
CA VAL B 126 -24.19 3.99 12.92
C VAL B 126 -24.04 4.82 11.64
N MET B 127 -22.80 4.98 11.17
CA MET B 127 -22.54 5.68 9.91
C MET B 127 -23.15 4.95 8.72
N VAL B 128 -23.09 3.61 8.73
CA VAL B 128 -23.70 2.81 7.68
C VAL B 128 -25.20 3.03 7.65
N SER B 129 -25.82 2.95 8.83
CA SER B 129 -27.26 3.18 8.99
C SER B 129 -27.61 4.59 8.53
N HIS B 130 -26.81 5.57 8.95
CA HIS B 130 -27.02 6.96 8.57
C HIS B 130 -26.96 7.15 7.05
N PHE B 131 -25.94 6.59 6.40
CA PHE B 131 -25.78 6.74 4.95
C PHE B 131 -26.96 6.15 4.19
N GLN B 132 -27.42 4.98 4.61
CA GLN B 132 -28.54 4.31 3.94
C GLN B 132 -29.78 5.19 3.96
N LYS B 133 -30.09 5.75 5.13
CA LYS B 133 -31.27 6.61 5.32
C LYS B 133 -31.24 7.84 4.40
N VAL B 134 -30.16 8.61 4.46
CA VAL B 134 -30.07 9.86 3.69
C VAL B 134 -29.88 9.63 2.18
N SER B 135 -29.21 8.54 1.82
CA SER B 135 -28.96 8.22 0.41
C SER B 135 -30.18 7.61 -0.27
N GLY B 136 -30.92 6.79 0.47
CA GLY B 136 -32.09 6.11 -0.07
C GLY B 136 -31.80 4.85 -0.88
N LEU B 137 -30.55 4.41 -0.87
CA LEU B 137 -30.15 3.18 -1.58
C LEU B 137 -30.73 1.95 -0.90
N PRO B 138 -30.98 0.87 -1.66
CA PRO B 138 -31.45 -0.39 -1.08
C PRO B 138 -30.59 -0.85 0.09
N HIS B 139 -31.22 -1.42 1.12
CA HIS B 139 -30.51 -1.93 2.29
C HIS B 139 -29.42 -2.93 1.92
N ASN B 140 -29.71 -3.81 0.95
CA ASN B 140 -28.76 -4.82 0.49
C ASN B 140 -27.58 -4.28 -0.34
N LYS B 141 -27.66 -3.02 -0.76
CA LYS B 141 -26.59 -2.38 -1.53
C LYS B 141 -25.73 -1.44 -0.70
N VAL B 142 -25.96 -1.42 0.63
CA VAL B 142 -25.19 -0.60 1.54
C VAL B 142 -24.75 -1.43 2.74
N CYS B 143 -23.46 -1.42 3.03
CA CYS B 143 -22.91 -2.14 4.18
C CYS B 143 -21.66 -1.45 4.70
N GLY B 144 -21.12 -1.95 5.81
CA GLY B 144 -19.92 -1.40 6.41
C GLY B 144 -18.82 -2.41 6.58
N MET B 145 -17.59 -1.97 6.36
CA MET B 145 -16.41 -2.79 6.64
C MET B 145 -16.08 -2.72 8.11
N ALA B 146 -16.08 -3.88 8.77
CA ALA B 146 -15.67 -3.99 10.17
C ALA B 146 -15.34 -5.43 10.50
N GLY B 147 -16.32 -6.30 10.31
CA GLY B 147 -16.18 -7.73 10.60
C GLY B 147 -14.96 -8.39 9.99
N VAL B 148 -14.63 -8.04 8.76
CA VAL B 148 -13.45 -8.62 8.10
C VAL B 148 -12.17 -8.25 8.85
N LEU B 149 -12.08 -6.99 9.30
CA LEU B 149 -10.93 -6.54 10.09
C LEU B 149 -10.90 -7.21 11.47
N ASP B 150 -12.04 -7.18 12.16
CA ASP B 150 -12.14 -7.77 13.51
C ASP B 150 -11.90 -9.28 13.47
N SER B 151 -12.55 -9.96 12.53
CA SER B 151 -12.37 -11.40 12.35
C SER B 151 -10.95 -11.75 11.93
N SER B 152 -10.34 -10.93 11.07
CA SER B 152 -8.95 -11.16 10.65
C SER B 152 -7.99 -11.08 11.83
N ARG B 153 -8.21 -10.09 12.70
CA ARG B 153 -7.42 -9.96 13.93
C ARG B 153 -7.61 -11.18 14.82
N PHE B 154 -8.87 -11.55 15.04
CA PHE B 154 -9.25 -12.73 15.82
C PHE B 154 -8.56 -13.99 15.28
N ARG B 155 -8.67 -14.21 13.97
CA ARG B 155 -8.02 -15.37 13.33
C ARG B 155 -6.51 -15.34 13.49
N THR B 156 -5.92 -14.16 13.33
CA THR B 156 -4.47 -13.97 13.42
C THR B 156 -3.97 -14.33 14.82
N PHE B 157 -4.67 -13.86 15.84
CA PHE B 157 -4.27 -14.12 17.23
C PHE B 157 -4.39 -15.60 17.59
N ILE B 158 -5.46 -16.24 17.13
CA ILE B 158 -5.64 -17.68 17.31
C ILE B 158 -4.50 -18.43 16.60
N ALA B 159 -4.26 -18.07 15.35
CA ALA B 159 -3.20 -18.69 14.54
C ALA B 159 -1.82 -18.55 15.20
N GLN B 160 -1.55 -17.38 15.77
CA GLN B 160 -0.26 -17.11 16.41
C GLN B 160 -0.05 -17.99 17.66
N HIS B 161 -1.12 -18.27 18.39
CA HIS B 161 -1.02 -19.18 19.54
C HIS B 161 -0.64 -20.59 19.11
N PHE B 162 -1.36 -21.12 18.12
CA PHE B 162 -1.15 -22.49 17.66
C PHE B 162 0.02 -22.65 16.68
N GLY B 163 0.53 -21.54 16.15
CA GLY B 163 1.65 -21.59 15.20
C GLY B 163 1.27 -22.16 13.84
N VAL B 164 0.09 -21.78 13.36
CA VAL B 164 -0.40 -22.26 12.07
C VAL B 164 -0.75 -21.09 11.15
N ASN B 165 -0.95 -21.40 9.87
CA ASN B 165 -1.42 -20.44 8.89
C ASN B 165 -2.79 -19.90 9.27
N ALA B 166 -2.89 -18.58 9.40
CA ALA B 166 -4.16 -17.94 9.78
C ALA B 166 -5.29 -18.21 8.78
N SER B 167 -4.93 -18.48 7.52
CA SER B 167 -5.93 -18.84 6.51
C SER B 167 -6.68 -20.14 6.83
N ASP B 168 -6.07 -21.00 7.66
CA ASP B 168 -6.69 -22.27 8.05
C ASP B 168 -7.41 -22.18 9.40
N VAL B 169 -7.51 -20.97 9.95
CA VAL B 169 -8.35 -20.69 11.11
C VAL B 169 -9.67 -20.11 10.63
N SER B 170 -10.78 -20.69 11.09
CA SER B 170 -12.11 -20.13 10.85
C SER B 170 -12.58 -19.47 12.13
N ALA B 171 -12.94 -18.19 12.06
CA ALA B 171 -13.35 -17.43 13.24
C ALA B 171 -14.13 -16.18 12.85
N ASN B 172 -15.20 -15.92 13.60
CA ASN B 172 -16.09 -14.79 13.33
C ASN B 172 -16.18 -13.84 14.52
N VAL B 173 -16.19 -12.54 14.23
CA VAL B 173 -16.56 -11.52 15.19
C VAL B 173 -17.87 -10.92 14.70
N ILE B 174 -18.84 -10.80 15.60
CA ILE B 174 -20.16 -10.27 15.24
C ILE B 174 -20.56 -9.12 16.17
N GLY B 175 -21.65 -8.44 15.83
CA GLY B 175 -22.14 -7.31 16.61
C GLY B 175 -21.54 -6.00 16.15
N GLY B 176 -21.72 -4.95 16.94
CA GLY B 176 -21.23 -3.63 16.59
C GLY B 176 -19.72 -3.53 16.63
N HIS B 177 -19.16 -2.73 15.73
CA HIS B 177 -17.72 -2.47 15.69
C HIS B 177 -17.37 -1.50 16.81
N GLY B 178 -17.19 -2.05 18.02
CA GLY B 178 -16.88 -1.27 19.20
C GLY B 178 -16.43 -2.19 20.32
N ASP B 179 -16.42 -1.67 21.55
CA ASP B 179 -16.01 -2.47 22.72
C ASP B 179 -16.91 -3.68 22.93
N GLY B 180 -18.17 -3.57 22.53
CA GLY B 180 -19.13 -4.65 22.65
C GLY B 180 -19.08 -5.73 21.58
N MET B 181 -18.09 -5.67 20.69
CA MET B 181 -17.97 -6.68 19.63
C MET B 181 -17.81 -8.07 20.26
N VAL B 182 -18.35 -9.08 19.59
CA VAL B 182 -18.38 -10.43 20.13
C VAL B 182 -17.54 -11.38 19.28
N PRO B 183 -16.27 -11.61 19.68
CA PRO B 183 -15.52 -12.71 19.08
C PRO B 183 -16.12 -14.05 19.52
N ALA B 184 -16.86 -14.68 18.61
CA ALA B 184 -17.62 -15.89 18.93
C ALA B 184 -16.69 -17.10 19.03
N THR B 185 -16.24 -17.39 20.25
CA THR B 185 -15.31 -18.49 20.48
C THR B 185 -15.93 -19.87 20.16
N SER B 186 -17.25 -19.98 20.29
CA SER B 186 -17.95 -21.25 20.09
C SER B 186 -17.81 -21.81 18.67
N SER B 187 -17.66 -20.93 17.69
CA SER B 187 -17.55 -21.34 16.28
C SER B 187 -16.13 -21.21 15.72
N VAL B 188 -15.13 -21.10 16.60
CA VAL B 188 -13.74 -21.10 16.18
C VAL B 188 -13.32 -22.53 15.82
N SER B 189 -12.65 -22.69 14.68
CA SER B 189 -12.02 -23.95 14.35
C SER B 189 -10.66 -23.72 13.70
N VAL B 190 -9.73 -24.65 13.95
CA VAL B 190 -8.40 -24.61 13.34
C VAL B 190 -8.22 -25.91 12.57
N GLY B 191 -8.38 -25.82 11.24
CA GLY B 191 -8.31 -27.01 10.38
C GLY B 191 -9.39 -28.02 10.69
N GLY B 192 -10.53 -27.56 11.19
CA GLY B 192 -11.65 -28.42 11.56
C GLY B 192 -11.74 -28.75 13.06
N VAL B 193 -10.70 -28.43 13.82
CA VAL B 193 -10.65 -28.74 15.25
C VAL B 193 -11.20 -27.57 16.08
N PRO B 194 -12.20 -27.81 16.92
CA PRO B 194 -12.77 -26.74 17.75
C PRO B 194 -11.93 -26.45 19.00
N LEU B 195 -12.12 -25.28 19.58
CA LEU B 195 -11.35 -24.87 20.77
C LEU B 195 -11.57 -25.81 21.96
N SER B 196 -12.80 -26.31 22.11
CA SER B 196 -13.11 -27.26 23.19
C SER B 196 -12.22 -28.50 23.13
N SER B 197 -11.91 -28.97 21.92
CA SER B 197 -11.00 -30.10 21.74
C SER B 197 -9.57 -29.73 22.13
N PHE B 198 -9.13 -28.53 21.74
CA PHE B 198 -7.78 -28.06 22.07
C PHE B 198 -7.57 -27.93 23.58
N ILE B 199 -8.62 -27.55 24.31
CA ILE B 199 -8.57 -27.49 25.77
C ILE B 199 -8.38 -28.90 26.33
N LYS B 200 -9.21 -29.83 25.90
CA LYS B 200 -9.10 -31.23 26.31
C LYS B 200 -7.73 -31.83 26.00
N GLN B 201 -7.18 -31.47 24.84
CA GLN B 201 -5.87 -31.97 24.42
C GLN B 201 -4.70 -31.27 25.12
N GLY B 202 -4.98 -30.20 25.86
CA GLY B 202 -3.95 -29.49 26.61
C GLY B 202 -3.08 -28.59 25.75
N LEU B 203 -3.64 -28.09 24.63
CA LEU B 203 -2.92 -27.21 23.71
C LEU B 203 -3.32 -25.74 23.88
N ILE B 204 -4.36 -25.48 24.67
CA ILE B 204 -4.76 -24.11 25.01
C ILE B 204 -5.60 -24.11 26.29
N THR B 205 -5.50 -23.04 27.06
CA THR B 205 -6.30 -22.88 28.29
C THR B 205 -7.41 -21.86 28.04
N GLN B 206 -8.43 -21.89 28.91
CA GLN B 206 -9.52 -20.92 28.82
C GLN B 206 -8.99 -19.50 29.03
N GLU B 207 -7.97 -19.36 29.87
CA GLU B 207 -7.35 -18.07 30.14
C GLU B 207 -6.72 -17.49 28.87
N GLN B 208 -6.03 -18.34 28.11
CA GLN B 208 -5.42 -17.94 26.84
C GLN B 208 -6.49 -17.57 25.80
N ILE B 209 -7.61 -18.28 25.81
CA ILE B 209 -8.74 -17.95 24.94
C ILE B 209 -9.32 -16.58 25.33
N ASP B 210 -9.47 -16.34 26.64
CA ASP B 210 -9.97 -15.06 27.13
C ASP B 210 -9.05 -13.91 26.73
N GLU B 211 -7.74 -14.13 26.80
CA GLU B 211 -6.76 -13.11 26.38
C GLU B 211 -6.91 -12.77 24.89
N ILE B 212 -7.10 -13.79 24.06
CA ILE B 212 -7.27 -13.62 22.61
C ILE B 212 -8.53 -12.81 22.30
N VAL B 213 -9.62 -13.12 23.02
CA VAL B 213 -10.88 -12.40 22.88
C VAL B 213 -10.71 -10.92 23.26
N CYS B 214 -10.00 -10.67 24.36
CA CYS B 214 -9.73 -9.31 24.81
C CYS B 214 -8.84 -8.56 23.83
N HIS B 215 -7.76 -9.22 23.39
CA HIS B 215 -6.84 -8.66 22.40
C HIS B 215 -7.59 -8.20 21.16
N THR B 216 -8.50 -9.04 20.67
CA THR B 216 -9.34 -8.72 19.52
C THR B 216 -10.15 -7.44 19.73
N ARG B 217 -10.79 -7.33 20.91
CA ARG B 217 -11.62 -6.17 21.21
C ARG B 217 -10.83 -4.85 21.27
N ILE B 218 -9.63 -4.90 21.84
CA ILE B 218 -8.81 -3.69 22.04
C ILE B 218 -7.74 -3.47 20.97
N ALA B 219 -7.73 -4.32 19.94
CA ALA B 219 -6.68 -4.30 18.92
C ALA B 219 -6.46 -2.94 18.26
N TRP B 220 -7.54 -2.19 18.04
CA TRP B 220 -7.44 -0.89 17.38
C TRP B 220 -6.55 0.08 18.14
N LYS B 221 -6.61 0.04 19.47
CA LYS B 221 -5.79 0.91 20.33
C LYS B 221 -4.32 0.52 20.28
N GLU B 222 -4.04 -0.79 20.23
CA GLU B 222 -2.68 -1.29 20.15
C GLU B 222 -1.95 -0.74 18.92
N VAL B 223 -2.66 -0.69 17.79
CA VAL B 223 -2.12 -0.14 16.55
C VAL B 223 -1.97 1.38 16.67
N ALA B 224 -3.07 2.06 17.03
CA ALA B 224 -3.12 3.52 17.10
C ALA B 224 -2.09 4.11 18.07
N ASP B 225 -1.93 3.48 19.23
CA ASP B 225 -0.95 3.94 20.23
C ASP B 225 0.49 3.91 19.70
N ASN B 226 0.77 3.01 18.76
CA ASN B 226 2.11 2.89 18.18
C ASN B 226 2.32 3.78 16.95
N LEU B 227 1.29 3.95 16.13
CA LEU B 227 1.38 4.80 14.94
C LEU B 227 1.60 6.28 15.30
N LYS B 228 0.99 6.73 16.40
CA LYS B 228 1.19 8.09 16.93
C LYS B 228 0.92 9.17 15.87
N THR B 229 -0.16 8.99 15.11
CA THR B 229 -0.53 9.89 14.02
C THR B 229 -1.97 9.68 13.56
N GLY B 230 -2.43 8.44 13.56
CA GLY B 230 -3.84 8.12 13.33
C GLY B 230 -4.16 6.69 13.72
N THR B 231 -5.21 6.14 13.11
CA THR B 231 -5.63 4.76 13.37
C THR B 231 -5.08 3.81 12.29
N ALA B 232 -5.35 2.52 12.43
CA ALA B 232 -4.90 1.51 11.46
C ALA B 232 -5.41 1.85 10.06
N TYR B 233 -4.64 1.48 9.03
CA TYR B 233 -5.04 1.80 7.66
C TYR B 233 -4.59 0.80 6.57
N PHE B 234 -3.59 -0.03 6.86
CA PHE B 234 -3.19 -1.08 5.93
C PHE B 234 -4.22 -2.21 5.87
N ALA B 235 -4.58 -2.73 7.05
CA ALA B 235 -5.55 -3.82 7.13
C ALA B 235 -6.99 -3.41 6.82
N PRO B 236 -7.42 -2.23 7.33
CA PRO B 236 -8.76 -1.75 6.95
C PRO B 236 -8.94 -1.58 5.44
N ALA B 237 -7.90 -1.09 4.76
CA ALA B 237 -7.92 -0.93 3.30
C ALA B 237 -8.06 -2.29 2.62
N ALA B 238 -7.23 -3.25 3.02
CA ALA B 238 -7.26 -4.60 2.45
C ALA B 238 -8.61 -5.27 2.64
N ALA B 239 -9.21 -5.07 3.80
CA ALA B 239 -10.53 -5.65 4.11
C ALA B 239 -11.60 -5.13 3.17
N ALA B 240 -11.60 -3.82 2.93
CA ALA B 240 -12.56 -3.19 2.02
C ALA B 240 -12.41 -3.72 0.59
N VAL B 241 -11.17 -3.98 0.17
CA VAL B 241 -10.90 -4.52 -1.16
C VAL B 241 -11.44 -5.95 -1.28
N LYS B 242 -11.27 -6.77 -0.24
CA LYS B 242 -11.81 -8.12 -0.24
C LYS B 242 -13.34 -8.11 -0.38
N MET B 243 -14.00 -7.13 0.24
CA MET B 243 -15.44 -6.97 0.11
C MET B 243 -15.84 -6.52 -1.30
N ALA B 244 -15.06 -5.62 -1.88
CA ALA B 244 -15.28 -5.18 -3.25
C ALA B 244 -15.10 -6.32 -4.26
N GLU B 245 -14.09 -7.16 -4.02
CA GLU B 245 -13.84 -8.36 -4.83
C GLU B 245 -15.04 -9.30 -4.84
N ALA B 246 -15.60 -9.55 -3.66
CA ALA B 246 -16.74 -10.44 -3.52
C ALA B 246 -17.91 -9.96 -4.38
N TYR B 247 -18.15 -8.66 -4.39
CA TYR B 247 -19.20 -8.06 -5.21
C TYR B 247 -18.89 -8.15 -6.70
N LEU B 248 -17.74 -7.59 -7.10
CA LEU B 248 -17.37 -7.48 -8.51
C LEU B 248 -17.20 -8.84 -9.20
N LYS B 249 -16.74 -9.85 -8.46
CA LYS B 249 -16.54 -11.19 -9.02
C LYS B 249 -17.68 -12.16 -8.68
N ASP B 250 -18.73 -11.66 -8.02
CA ASP B 250 -19.90 -12.48 -7.68
C ASP B 250 -19.48 -13.77 -6.96
N LYS B 251 -18.65 -13.63 -5.94
CA LYS B 251 -18.03 -14.79 -5.28
C LYS B 251 -18.99 -15.64 -4.45
N LYS B 252 -20.09 -15.04 -3.98
CA LYS B 252 -20.93 -15.67 -2.97
C LYS B 252 -20.07 -16.02 -1.74
N ALA B 253 -19.23 -15.07 -1.34
CA ALA B 253 -18.28 -15.28 -0.27
C ALA B 253 -18.93 -14.97 1.07
N VAL B 254 -18.55 -15.72 2.11
CA VAL B 254 -18.98 -15.41 3.47
C VAL B 254 -18.17 -14.22 3.98
N VAL B 255 -18.85 -13.10 4.20
CA VAL B 255 -18.19 -11.86 4.56
C VAL B 255 -18.83 -11.30 5.83
N PRO B 256 -18.11 -11.36 6.97
CA PRO B 256 -18.61 -10.66 8.15
C PRO B 256 -18.52 -9.15 7.93
N CYS B 257 -19.68 -8.48 7.96
CA CYS B 257 -19.74 -7.03 7.74
C CYS B 257 -21.00 -6.45 8.39
N SER B 258 -21.01 -5.13 8.52
CA SER B 258 -22.17 -4.43 9.10
C SER B 258 -23.27 -4.37 8.04
N ALA B 259 -24.27 -5.24 8.19
CA ALA B 259 -25.35 -5.38 7.21
C ALA B 259 -26.72 -5.28 7.87
N PHE B 260 -27.73 -4.97 7.06
CA PHE B 260 -29.09 -4.79 7.58
C PHE B 260 -29.72 -6.14 7.92
N CYS B 261 -29.75 -6.44 9.21
CA CYS B 261 -30.26 -7.71 9.72
C CYS B 261 -31.71 -7.53 10.18
N SER B 262 -32.64 -8.22 9.53
CA SER B 262 -34.08 -8.05 9.81
C SER B 262 -34.81 -9.30 10.30
N ASN B 263 -34.25 -10.49 10.07
CA ASN B 263 -34.88 -11.74 10.50
C ASN B 263 -33.89 -12.78 11.02
N HIS B 264 -32.82 -12.31 11.68
CA HIS B 264 -31.83 -13.19 12.29
C HIS B 264 -31.33 -12.57 13.59
N TYR B 265 -30.76 -13.40 14.46
CA TYR B 265 -30.14 -12.95 15.71
C TYR B 265 -31.08 -12.16 16.64
N GLY B 266 -32.38 -12.44 16.55
CA GLY B 266 -33.37 -11.80 17.41
C GLY B 266 -33.50 -10.30 17.27
N VAL B 267 -33.25 -9.77 16.07
CA VAL B 267 -33.44 -8.35 15.77
C VAL B 267 -34.34 -8.19 14.55
N LYS B 268 -34.93 -7.00 14.40
CA LYS B 268 -35.94 -6.77 13.37
C LYS B 268 -35.69 -5.51 12.55
N GLY B 269 -34.45 -5.35 12.08
CA GLY B 269 -34.08 -4.24 11.19
C GLY B 269 -33.02 -3.34 11.79
N ILE B 270 -31.79 -3.83 11.83
CA ILE B 270 -30.66 -3.07 12.37
C ILE B 270 -29.36 -3.40 11.63
N TYR B 271 -28.54 -2.38 11.42
CA TYR B 271 -27.20 -2.57 10.87
C TYR B 271 -26.22 -2.98 11.96
N MET B 272 -25.74 -4.21 11.89
CA MET B 272 -24.72 -4.69 12.82
C MET B 272 -23.86 -5.78 12.15
N GLY B 273 -22.74 -6.10 12.77
CA GLY B 273 -21.84 -7.12 12.26
C GLY B 273 -22.47 -8.51 12.25
N VAL B 274 -22.60 -9.08 11.05
CA VAL B 274 -23.11 -10.44 10.87
C VAL B 274 -22.40 -11.14 9.71
N PRO B 275 -22.39 -12.48 9.70
CA PRO B 275 -21.83 -13.19 8.54
C PRO B 275 -22.79 -13.17 7.35
N THR B 276 -22.42 -12.42 6.31
CA THR B 276 -23.25 -12.30 5.11
C THR B 276 -22.69 -13.14 3.97
N ILE B 277 -23.51 -13.32 2.93
CA ILE B 277 -23.05 -13.81 1.64
C ILE B 277 -23.10 -12.62 0.67
N ILE B 278 -21.96 -12.27 0.09
CA ILE B 278 -21.88 -11.17 -0.86
C ILE B 278 -21.62 -11.68 -2.28
N GLY B 279 -22.47 -11.23 -3.20
CA GLY B 279 -22.30 -11.50 -4.62
C GLY B 279 -22.69 -10.28 -5.43
N LYS B 280 -23.05 -10.50 -6.70
CA LYS B 280 -23.34 -9.40 -7.62
C LYS B 280 -24.60 -8.58 -7.28
N ASN B 281 -25.44 -9.10 -6.40
CA ASN B 281 -26.62 -8.37 -5.93
C ASN B 281 -26.41 -7.71 -4.56
N GLY B 282 -25.15 -7.60 -4.13
CA GLY B 282 -24.80 -6.99 -2.85
C GLY B 282 -24.84 -8.00 -1.73
N VAL B 283 -25.43 -7.62 -0.60
CA VAL B 283 -25.65 -8.54 0.51
C VAL B 283 -26.83 -9.44 0.16
N GLU B 284 -26.54 -10.69 -0.20
CA GLU B 284 -27.55 -11.60 -0.73
C GLU B 284 -28.17 -12.51 0.33
N ASP B 285 -27.49 -12.66 1.47
CA ASP B 285 -27.99 -13.52 2.55
C ASP B 285 -27.24 -13.24 3.85
N ILE B 286 -27.81 -13.72 4.97
CA ILE B 286 -27.17 -13.64 6.27
C ILE B 286 -27.20 -15.02 6.93
N LEU B 287 -26.04 -15.49 7.37
CA LEU B 287 -25.92 -16.80 8.02
C LEU B 287 -26.16 -16.67 9.53
N GLU B 288 -26.76 -17.72 10.10
CA GLU B 288 -27.08 -17.75 11.53
C GLU B 288 -26.10 -18.67 12.27
N LEU B 289 -25.18 -18.07 13.03
CA LEU B 289 -24.23 -18.83 13.83
C LEU B 289 -24.92 -19.49 15.02
N ASP B 290 -24.36 -20.62 15.45
CA ASP B 290 -24.88 -21.36 16.60
C ASP B 290 -24.26 -20.81 17.88
N LEU B 291 -24.78 -19.67 18.33
CA LEU B 291 -24.23 -18.98 19.49
C LEU B 291 -24.69 -19.59 20.81
N THR B 292 -23.81 -19.57 21.80
CA THR B 292 -24.13 -20.04 23.15
C THR B 292 -25.00 -18.99 23.86
N PRO B 293 -25.65 -19.37 24.98
CA PRO B 293 -26.40 -18.39 25.76
C PRO B 293 -25.59 -17.15 26.18
N LEU B 294 -24.34 -17.37 26.60
CA LEU B 294 -23.44 -16.27 26.95
C LEU B 294 -23.20 -15.34 25.75
N GLU B 295 -22.94 -15.94 24.59
CA GLU B 295 -22.70 -15.18 23.37
C GLU B 295 -23.95 -14.43 22.90
N GLN B 296 -25.13 -15.03 23.10
CA GLN B 296 -26.40 -14.36 22.81
C GLN B 296 -26.60 -13.13 23.69
N LYS B 297 -26.20 -13.25 24.96
CA LYS B 297 -26.27 -12.15 25.91
C LYS B 297 -25.28 -11.03 25.55
N LEU B 298 -24.05 -11.40 25.25
CA LEU B 298 -23.04 -10.44 24.81
C LEU B 298 -23.48 -9.71 23.54
N LEU B 299 -24.09 -10.44 22.60
CA LEU B 299 -24.61 -9.85 21.37
C LEU B 299 -25.75 -8.87 21.67
N GLY B 300 -26.58 -9.19 22.66
CA GLY B 300 -27.66 -8.30 23.10
C GLY B 300 -27.13 -6.98 23.63
N GLU B 301 -26.05 -7.05 24.40
CA GLU B 301 -25.38 -5.87 24.92
C GLU B 301 -24.76 -5.03 23.79
N SER B 302 -24.27 -5.69 22.75
CA SER B 302 -23.73 -5.00 21.57
C SER B 302 -24.82 -4.24 20.83
N ILE B 303 -25.97 -4.90 20.65
CA ILE B 303 -27.12 -4.29 19.99
C ILE B 303 -27.60 -3.04 20.75
N ASN B 304 -27.53 -3.10 22.09
CA ASN B 304 -27.89 -1.96 22.93
C ASN B 304 -26.96 -0.76 22.71
N GLU B 305 -25.65 -1.03 22.66
CA GLU B 305 -24.66 0.02 22.40
C GLU B 305 -24.88 0.69 21.04
N VAL B 306 -25.21 -0.10 20.03
CA VAL B 306 -25.50 0.41 18.68
C VAL B 306 -26.75 1.29 18.70
N ASN B 307 -27.80 0.80 19.35
CA ASN B 307 -29.04 1.56 19.51
C ASN B 307 -28.84 2.85 20.31
N THR B 308 -28.04 2.76 21.37
CA THR B 308 -27.75 3.92 22.22
C THR B 308 -27.10 5.05 21.42
N ILE B 309 -26.06 4.72 20.67
CA ILE B 309 -25.32 5.72 19.89
C ILE B 309 -26.17 6.23 18.73
N SER B 310 -26.96 5.32 18.14
CA SER B 310 -27.86 5.69 17.04
C SER B 310 -28.93 6.69 17.48
N LYS B 311 -29.45 6.50 18.70
CA LYS B 311 -30.48 7.39 19.26
C LYS B 311 -29.92 8.78 19.57
N VAL B 312 -28.67 8.85 20.00
CA VAL B 312 -27.99 10.12 20.25
C VAL B 312 -27.89 10.94 18.96
N LEU B 313 -27.64 10.27 17.85
CA LEU B 313 -27.58 10.92 16.54
C LEU B 313 -28.97 11.38 16.07
N ASP B 314 -29.98 10.55 16.30
CA ASP B 314 -31.36 10.88 15.92
C ASP B 314 -31.88 12.11 16.67
N ASN B 315 -31.46 12.26 17.92
CA ASN B 315 -31.87 13.39 18.76
C ASN B 315 -30.89 14.56 18.64
N ALA B 316 -31.11 15.39 17.63
CA ALA B 316 -30.31 16.60 17.42
C ALA B 316 -31.18 17.73 16.84
N PRO B 317 -30.76 18.99 17.03
CA PRO B 317 -31.57 20.11 16.53
C PRO B 317 -31.51 20.24 15.01
#